data_6T53
#
_entry.id   6T53
#
_cell.length_a   70.167
_cell.length_b   71.412
_cell.length_c   72.475
_cell.angle_alpha   90.000
_cell.angle_beta   100.567
_cell.angle_gamma   90.000
#
_symmetry.space_group_name_H-M   'C 1 2 1'
#
loop_
_entity.id
_entity.type
_entity.pdbx_description
1 polymer Prothrombin
2 polymer Prothrombin
3 polymer 'Hirudin variant-2'
4 non-polymer 'SODIUM ION'
5 non-polymer 'DIMETHYL SULFOXIDE'
6 non-polymer (2~{S})-~{N}-[[4-(aminomethyl)phenyl]methyl]-1-[(2~{R})-2-azanyl-3-phenyl-propanoyl]pyrrolidine-2-carboxamide
7 non-polymer GLYCEROL
8 non-polymer 'PHOSPHATE ION'
9 non-polymer 2-acetamido-2-deoxy-beta-D-glucopyranose
10 water water
#
loop_
_entity_poly.entity_id
_entity_poly.type
_entity_poly.pdbx_seq_one_letter_code
_entity_poly.pdbx_strand_id
1 'polypeptide(L)' TFGSGEADCGLRPLFEKKSLEDKTERELLESYIDGR L
2 'polypeptide(L)'
;IVEGSDAEIGMSPWQVMLFRKSPQELLCGASLISDRWVLTAAHCLLYPPWDKNFTENDLLVRIGKHSRTRYERNIEKISM
LEKIYIHPRYNWRENLDRDIALMKLKKPVAFSDYIHPVCLPDRETAASLLQAGYKGRVTGWGNLKETWTANVGKGQPSVL
QVVNLPIVERPVCKDSTRIRITDNMFCAGYKPDEGKRGDACEGDSGGPFVMKSPFNNRWYQMGIVSWGEGCDRDGKYGFY
THVFRLKKWIQKVIDQFGE
;
H
3 'polypeptide(L)' DFEEIPEE(TYS)LQ I
#
# COMPACT_ATOMS: atom_id res chain seq x y z
N GLU A 6 -10.07 -5.89 12.52
CA GLU A 6 -10.54 -7.04 13.33
C GLU A 6 -9.60 -7.31 14.49
N ALA A 7 -10.03 -8.20 15.40
CA ALA A 7 -9.34 -8.37 16.68
C ALA A 7 -7.87 -8.70 16.50
N ASP A 8 -7.52 -9.44 15.46
CA ASP A 8 -6.17 -9.95 15.25
C ASP A 8 -5.39 -9.15 14.21
N CYS A 9 -5.90 -8.00 13.81
CA CYS A 9 -5.24 -7.28 12.73
C CYS A 9 -3.83 -6.89 13.12
N GLY A 10 -2.97 -6.80 12.10
CA GLY A 10 -1.66 -6.22 12.27
C GLY A 10 -0.66 -7.07 13.03
N LEU A 11 -1.01 -8.33 13.32
CA LEU A 11 -0.11 -9.28 13.97
C LEU A 11 0.22 -10.36 12.96
N ARG A 12 1.46 -10.38 12.49
CA ARG A 12 1.82 -11.27 11.38
C ARG A 12 2.06 -12.70 11.85
N PRO A 13 1.47 -13.70 11.18
CA PRO A 13 1.69 -15.09 11.59
C PRO A 13 3.16 -15.48 11.71
N LEU A 14 4.02 -15.02 10.82
CA LEU A 14 5.41 -15.47 10.82
C LEU A 14 6.33 -14.56 11.63
N PHE A 15 5.79 -13.51 12.26
CA PHE A 15 6.59 -12.58 13.04
C PHE A 15 5.96 -12.39 14.41
N GLU A 16 5.06 -11.42 14.58
CA GLU A 16 4.53 -11.13 15.92
C GLU A 16 3.92 -12.36 16.56
N LYS A 17 3.18 -13.17 15.79
CA LYS A 17 2.49 -14.31 16.40
C LYS A 17 3.45 -15.34 16.96
N LYS A 18 4.69 -15.38 16.47
N LYS A 18 4.70 -15.36 16.47
CA LYS A 18 5.68 -16.31 17.02
CA LYS A 18 5.74 -16.27 16.93
C LYS A 18 6.84 -15.57 17.69
C LYS A 18 6.79 -15.58 17.78
N SER A 19 6.62 -14.30 18.06
CA SER A 19 7.66 -13.49 18.70
C SER A 19 8.99 -13.51 17.94
N LEU A 20 8.92 -13.39 16.62
CA LEU A 20 10.10 -13.20 15.78
C LEU A 20 10.05 -11.81 15.16
N GLU A 21 11.19 -11.14 15.14
N GLU A 21 11.23 -11.23 15.01
CA GLU A 21 11.24 -9.84 14.48
CA GLU A 21 11.41 -9.85 14.55
C GLU A 21 11.78 -9.99 13.07
C GLU A 21 11.97 -9.85 13.12
N ASP A 22 11.37 -9.06 12.23
CA ASP A 22 11.94 -8.96 10.90
C ASP A 22 13.22 -8.14 10.94
N LYS A 23 13.95 -8.13 9.83
CA LYS A 23 15.32 -7.62 9.85
C LYS A 23 15.42 -6.11 9.98
N THR A 24 14.36 -5.35 9.71
CA THR A 24 14.47 -3.90 9.76
C THR A 24 13.39 -3.22 10.61
N GLU A 25 12.51 -3.95 11.30
CA GLU A 25 11.49 -3.27 12.08
C GLU A 25 12.09 -2.44 13.20
N ARG A 26 13.25 -2.83 13.70
CA ARG A 26 13.93 -2.04 14.73
C ARG A 26 14.22 -0.61 14.26
N GLU A 27 14.54 -0.43 12.97
CA GLU A 27 14.75 0.90 12.43
C GLU A 27 13.52 1.79 12.63
N LEU A 28 12.33 1.21 12.48
CA LEU A 28 11.11 1.97 12.74
C LEU A 28 11.01 2.34 14.21
N LEU A 29 11.19 1.37 15.10
CA LEU A 29 11.06 1.63 16.52
C LEU A 29 12.04 2.71 16.97
N GLU A 30 13.26 2.67 16.46
CA GLU A 30 14.27 3.65 16.87
C GLU A 30 13.90 5.06 16.46
N SER A 31 13.06 5.21 15.43
CA SER A 31 12.62 6.53 14.99
C SER A 31 11.46 7.08 15.80
N TYR A 32 10.81 6.26 16.64
CA TYR A 32 9.63 6.71 17.39
C TYR A 32 10.11 7.27 18.74
N ILE A 33 10.53 8.55 18.70
CA ILE A 33 11.22 9.20 19.80
C ILE A 33 10.31 10.20 20.48
N ILE B 1 9.57 0.09 -6.15
CA ILE B 1 10.31 0.60 -5.00
C ILE B 1 11.76 0.81 -5.40
N VAL B 2 12.29 2.01 -5.17
CA VAL B 2 13.67 2.35 -5.51
C VAL B 2 14.50 2.28 -4.23
N GLU B 3 15.64 1.61 -4.30
CA GLU B 3 16.61 1.55 -3.21
C GLU B 3 16.05 0.86 -1.98
N GLY B 4 15.15 -0.10 -2.21
CA GLY B 4 14.66 -0.99 -1.17
C GLY B 4 15.38 -2.31 -1.18
N SER B 5 14.76 -3.30 -0.54
CA SER B 5 15.31 -4.64 -0.49
C SER B 5 14.21 -5.67 -0.67
N ASP B 6 14.61 -6.91 -0.92
CA ASP B 6 13.63 -7.99 -1.01
C ASP B 6 12.92 -8.16 0.32
N ALA B 7 11.60 -8.31 0.27
CA ALA B 7 10.86 -8.63 1.47
C ALA B 7 11.20 -10.01 1.99
N GLU B 8 11.11 -10.17 3.32
CA GLU B 8 11.10 -11.50 3.91
C GLU B 8 9.77 -12.20 3.66
N ILE B 9 9.79 -13.53 3.69
CA ILE B 9 8.56 -14.28 3.54
C ILE B 9 7.61 -13.94 4.68
N GLY B 10 6.37 -13.61 4.34
CA GLY B 10 5.37 -13.25 5.32
C GLY B 10 5.56 -11.92 5.98
N MET B 11 6.43 -11.06 5.43
CA MET B 11 6.73 -9.78 6.06
C MET B 11 5.58 -8.78 5.94
N SER B 12 4.79 -8.91 4.89
N SER B 12 4.83 -8.86 4.86
CA SER B 12 3.72 -7.96 4.57
CA SER B 12 3.71 -7.95 4.59
C SER B 12 2.50 -8.76 4.12
C SER B 12 2.52 -8.79 4.12
N PRO B 13 1.90 -9.53 5.04
CA PRO B 13 0.86 -10.49 4.63
C PRO B 13 -0.45 -9.85 4.24
N TRP B 14 -0.56 -8.54 4.44
CA TRP B 14 -1.68 -7.75 3.96
C TRP B 14 -1.47 -7.22 2.54
N GLN B 15 -0.29 -7.47 1.95
N GLN B 15 -0.29 -7.43 1.93
CA GLN B 15 -0.04 -6.99 0.60
CA GLN B 15 -0.03 -6.85 0.62
C GLN B 15 -1.03 -7.60 -0.37
C GLN B 15 -0.85 -7.56 -0.45
N VAL B 16 -1.52 -6.78 -1.30
CA VAL B 16 -2.39 -7.26 -2.36
C VAL B 16 -1.86 -6.74 -3.69
N MET B 17 -1.91 -7.59 -4.72
CA MET B 17 -1.63 -7.18 -6.09
C MET B 17 -2.95 -7.03 -6.85
N LEU B 18 -3.17 -5.86 -7.44
CA LEU B 18 -4.28 -5.64 -8.35
C LEU B 18 -3.80 -6.05 -9.73
N PHE B 19 -4.54 -6.94 -10.37
CA PHE B 19 -4.07 -7.62 -11.57
C PHE B 19 -5.12 -7.48 -12.66
N ARG B 20 -4.70 -7.02 -13.83
N ARG B 20 -4.69 -7.04 -13.83
CA ARG B 20 -5.60 -6.92 -14.96
CA ARG B 20 -5.59 -6.92 -14.96
C ARG B 20 -5.79 -8.30 -15.59
C ARG B 20 -5.78 -8.29 -15.60
N LYS B 21 -7.03 -8.60 -15.98
CA LYS B 21 -7.32 -9.92 -16.56
C LYS B 21 -6.77 -10.05 -17.97
N SER B 22 -6.94 -9.02 -18.79
CA SER B 22 -6.60 -9.11 -20.20
C SER B 22 -6.21 -7.73 -20.70
N PRO B 23 -4.94 -7.50 -21.06
CA PRO B 23 -3.80 -8.41 -20.93
C PRO B 23 -3.48 -8.68 -19.47
N GLN B 24 -2.92 -9.84 -19.16
CA GLN B 24 -2.57 -10.18 -17.78
C GLN B 24 -1.36 -9.38 -17.36
N GLU B 25 -1.54 -8.43 -16.44
CA GLU B 25 -0.45 -7.54 -16.04
C GLU B 25 -0.74 -6.94 -14.67
N LEU B 26 0.34 -6.55 -14.00
N LEU B 26 0.33 -6.52 -14.00
CA LEU B 26 0.21 -5.80 -12.76
CA LEU B 26 0.17 -5.84 -12.73
C LEU B 26 -0.44 -4.46 -13.03
C LEU B 26 -0.38 -4.44 -12.96
N LEU B 27 -1.41 -4.09 -12.19
CA LEU B 27 -1.99 -2.75 -12.23
C LEU B 27 -1.58 -1.86 -11.08
N CYS B 28 -1.46 -2.41 -9.88
CA CYS B 28 -1.28 -1.58 -8.69
C CYS B 28 -1.06 -2.49 -7.51
N GLY B 29 -0.60 -1.90 -6.41
CA GLY B 29 -0.70 -2.52 -5.11
C GLY B 29 -2.01 -2.16 -4.41
N ALA B 30 -2.16 -2.73 -3.23
CA ALA B 30 -3.38 -2.66 -2.44
C ALA B 30 -3.10 -3.37 -1.11
N SER B 31 -4.06 -3.34 -0.20
CA SER B 31 -3.88 -3.96 1.11
C SER B 31 -5.16 -4.62 1.58
N LEU B 32 -4.98 -5.69 2.36
CA LEU B 32 -6.09 -6.43 2.93
C LEU B 32 -6.43 -5.88 4.30
N ILE B 33 -7.67 -5.43 4.47
CA ILE B 33 -8.11 -4.87 5.75
C ILE B 33 -9.14 -5.72 6.48
N SER B 34 -9.69 -6.73 5.82
CA SER B 34 -10.53 -7.75 6.47
C SER B 34 -10.61 -8.93 5.51
N ASP B 35 -11.43 -9.94 5.82
CA ASP B 35 -11.50 -11.08 4.93
C ASP B 35 -12.24 -10.78 3.63
N ARG B 36 -12.89 -9.61 3.52
CA ARG B 36 -13.70 -9.29 2.35
C ARG B 36 -13.37 -7.93 1.71
N TRP B 37 -12.49 -7.13 2.31
CA TRP B 37 -12.29 -5.75 1.89
C TRP B 37 -10.82 -5.48 1.62
N VAL B 38 -10.55 -4.84 0.49
CA VAL B 38 -9.22 -4.45 0.07
C VAL B 38 -9.21 -2.94 -0.16
N LEU B 39 -8.14 -2.30 0.30
CA LEU B 39 -7.96 -0.86 0.22
C LEU B 39 -6.91 -0.55 -0.83
N THR B 40 -7.14 0.47 -1.66
CA THR B 40 -6.18 0.88 -2.68
C THR B 40 -6.34 2.38 -2.94
N ALA B 41 -5.57 2.88 -3.90
CA ALA B 41 -5.68 4.27 -4.35
C ALA B 41 -6.76 4.37 -5.41
N ALA B 42 -7.55 5.44 -5.35
CA ALA B 42 -8.57 5.65 -6.39
C ALA B 42 -7.95 5.73 -7.78
N HIS B 43 -6.76 6.32 -7.91
CA HIS B 43 -6.17 6.49 -9.24
C HIS B 43 -5.76 5.15 -9.86
N CYS B 44 -5.69 4.08 -9.08
CA CYS B 44 -5.49 2.74 -9.62
C CYS B 44 -6.69 2.25 -10.42
N LEU B 45 -7.87 2.81 -10.14
CA LEU B 45 -9.11 2.38 -10.77
C LEU B 45 -9.71 3.40 -11.70
N LEU B 46 -9.50 4.70 -11.42
CA LEU B 46 -10.16 5.78 -12.13
C LEU B 46 -9.16 6.91 -12.31
N TYR B 47 -8.77 7.17 -13.56
CA TYR B 47 -7.90 8.30 -13.87
C TYR B 47 -8.16 8.72 -15.31
N PRO B 48 -9.17 9.56 -15.54
CA PRO B 48 -9.59 9.89 -16.90
C PRO B 48 -8.51 10.53 -17.76
N PRO B 49 -7.57 11.30 -17.20
CA PRO B 49 -6.51 11.86 -18.07
C PRO B 49 -5.75 10.79 -18.83
N TRP B 50 -5.69 9.56 -18.31
CA TRP B 50 -5.01 8.44 -18.95
C TRP B 50 -5.99 7.41 -19.49
N ASP B 51 -7.26 7.78 -19.63
CA ASP B 51 -8.30 6.88 -20.13
C ASP B 51 -8.45 5.63 -19.26
N LYS B 52 -8.22 5.77 -17.97
N LYS B 52 -8.24 5.77 -17.97
CA LYS B 52 -8.34 4.66 -17.03
CA LYS B 52 -8.33 4.66 -17.03
C LYS B 52 -9.69 4.74 -16.33
C LYS B 52 -9.68 4.72 -16.29
N ASN B 53 -10.50 3.70 -16.47
CA ASN B 53 -11.76 3.59 -15.74
C ASN B 53 -12.15 2.13 -15.68
N PHE B 54 -11.60 1.41 -14.71
CA PHE B 54 -11.80 -0.03 -14.65
C PHE B 54 -13.15 -0.36 -14.02
N THR B 55 -13.73 -1.45 -14.47
CA THR B 55 -14.90 -2.03 -13.85
C THR B 55 -14.48 -3.29 -13.09
N GLU B 56 -15.38 -3.78 -12.24
CA GLU B 56 -15.09 -4.95 -11.43
C GLU B 56 -14.61 -6.13 -12.27
N ASN B 57 -15.28 -6.39 -13.39
CA ASN B 57 -14.96 -7.60 -14.16
C ASN B 57 -13.63 -7.49 -14.88
N ASP B 58 -13.01 -6.31 -14.90
CA ASP B 58 -11.73 -6.15 -15.56
C ASP B 58 -10.57 -6.67 -14.73
N LEU B 59 -10.78 -6.94 -13.43
CA LEU B 59 -9.72 -7.00 -12.45
C LEU B 59 -9.79 -8.25 -11.62
N LEU B 60 -8.64 -8.65 -11.10
CA LEU B 60 -8.54 -9.63 -10.03
C LEU B 60 -7.64 -9.06 -8.95
N VAL B 61 -7.77 -9.60 -7.74
CA VAL B 61 -6.81 -9.34 -6.68
C VAL B 61 -6.10 -10.64 -6.32
N ARG B 62 -4.79 -10.54 -6.12
CA ARG B 62 -3.94 -11.67 -5.79
C ARG B 62 -3.31 -11.39 -4.44
N ILE B 63 -3.55 -12.28 -3.48
CA ILE B 63 -3.25 -12.05 -2.08
C ILE B 63 -2.29 -13.15 -1.64
N GLY B 64 -1.35 -12.82 -0.77
CA GLY B 64 -0.36 -13.77 -0.29
C GLY B 64 0.87 -13.89 -1.13
N LYS B 65 1.10 -12.96 -2.06
CA LYS B 65 2.17 -13.09 -3.02
C LYS B 65 3.51 -12.59 -2.48
N HIS B 66 4.57 -13.14 -3.08
CA HIS B 66 5.94 -12.71 -2.86
C HIS B 66 6.58 -12.45 -4.23
N SER B 67 6.67 -13.49 -5.05
CA SER B 67 7.14 -13.30 -6.42
C SER B 67 6.20 -12.37 -7.18
N ARG B 68 6.78 -11.49 -8.00
CA ARG B 68 5.97 -10.61 -8.84
C ARG B 68 5.25 -11.39 -9.91
N THR B 69 5.97 -12.20 -10.68
CA THR B 69 5.43 -12.74 -11.94
C THR B 69 4.96 -14.18 -11.84
N ARG B 70 5.42 -14.93 -10.84
N ARG B 70 5.40 -14.94 -10.86
CA ARG B 70 5.08 -16.35 -10.74
CA ARG B 70 5.07 -16.36 -10.84
C ARG B 70 3.65 -16.53 -10.26
C ARG B 70 3.73 -16.61 -10.17
N TYR B 71 3.05 -17.66 -10.65
CA TYR B 71 1.81 -18.13 -10.02
C TYR B 71 2.23 -18.97 -8.82
N GLU B 72 1.98 -18.46 -7.61
CA GLU B 72 2.53 -19.05 -6.40
C GLU B 72 1.55 -20.07 -5.84
N ARG B 73 1.60 -21.23 -6.49
CA ARG B 73 0.67 -22.31 -6.22
C ARG B 73 0.74 -22.73 -4.75
N ASN B 74 -0.44 -22.92 -4.14
CA ASN B 74 -0.63 -23.33 -2.75
C ASN B 74 -0.31 -22.23 -1.74
N ILE B 75 -0.02 -21.02 -2.20
CA ILE B 75 0.34 -19.90 -1.33
C ILE B 75 -0.56 -18.70 -1.61
N GLU B 76 -0.49 -18.16 -2.82
CA GLU B 76 -1.35 -17.04 -3.15
C GLU B 76 -2.78 -17.49 -3.37
N LYS B 77 -3.70 -16.56 -3.17
CA LYS B 77 -5.12 -16.78 -3.42
C LYS B 77 -5.60 -15.64 -4.31
N ILE B 78 -6.39 -15.99 -5.31
CA ILE B 78 -6.88 -15.05 -6.30
C ILE B 78 -8.38 -14.86 -6.10
N SER B 79 -8.80 -13.60 -5.98
CA SER B 79 -10.19 -13.26 -5.68
C SER B 79 -10.77 -12.36 -6.76
N MET B 80 -12.06 -12.56 -7.04
CA MET B 80 -12.81 -11.69 -7.93
C MET B 80 -13.45 -10.56 -7.11
N LEU B 81 -13.78 -9.48 -7.81
CA LEU B 81 -14.33 -8.29 -7.16
C LEU B 81 -15.85 -8.29 -7.27
N GLU B 82 -16.51 -8.06 -6.14
CA GLU B 82 -17.94 -7.81 -6.16
C GLU B 82 -18.25 -6.38 -6.55
N LYS B 83 -17.54 -5.42 -5.96
CA LYS B 83 -17.89 -4.01 -6.14
C LYS B 83 -16.71 -3.13 -5.78
N ILE B 84 -16.53 -2.09 -6.59
CA ILE B 84 -15.58 -1.01 -6.36
C ILE B 84 -16.32 0.19 -5.79
N TYR B 85 -15.70 0.85 -4.80
CA TYR B 85 -16.20 2.10 -4.21
C TYR B 85 -15.08 3.12 -4.21
N ILE B 86 -15.28 4.21 -4.92
CA ILE B 86 -14.31 5.29 -5.00
C ILE B 86 -14.82 6.43 -4.14
N HIS B 87 -13.92 7.10 -3.44
CA HIS B 87 -14.34 8.22 -2.62
C HIS B 87 -15.12 9.21 -3.49
N PRO B 88 -16.29 9.69 -3.03
CA PRO B 88 -17.11 10.57 -3.89
C PRO B 88 -16.47 11.91 -4.16
N ARG B 89 -15.47 12.31 -3.38
CA ARG B 89 -14.77 13.58 -3.58
C ARG B 89 -13.32 13.37 -4.00
N TYR B 90 -12.99 12.18 -4.50
CA TYR B 90 -11.67 11.96 -5.11
C TYR B 90 -11.46 12.96 -6.23
N ASN B 91 -10.36 13.68 -6.15
CA ASN B 91 -10.06 14.76 -7.10
C ASN B 91 -9.01 14.29 -8.12
N TRP B 92 -9.50 13.66 -9.19
CA TRP B 92 -8.61 13.27 -10.27
C TRP B 92 -8.29 14.42 -11.21
N ARG B 93 -9.02 15.54 -11.10
N ARG B 93 -9.05 15.52 -11.11
CA ARG B 93 -8.84 16.64 -12.03
CA ARG B 93 -8.84 16.64 -12.03
C ARG B 93 -7.63 17.49 -11.70
C ARG B 93 -7.55 17.37 -11.70
N GLU B 94 -7.25 17.58 -10.42
CA GLU B 94 -6.20 18.49 -9.99
C GLU B 94 -5.02 17.78 -9.34
N ASN B 95 -5.17 17.24 -8.14
CA ASN B 95 -4.03 16.88 -7.31
C ASN B 95 -4.20 15.56 -6.59
N LEU B 96 -5.14 14.71 -7.02
CA LEU B 96 -5.36 13.41 -6.38
C LEU B 96 -5.79 13.54 -4.91
N ASP B 97 -6.44 14.64 -4.54
CA ASP B 97 -7.01 14.76 -3.20
C ASP B 97 -7.99 13.62 -2.96
N ARG B 98 -7.88 12.99 -1.77
CA ARG B 98 -8.77 11.91 -1.36
C ARG B 98 -8.61 10.70 -2.29
N ASP B 99 -7.36 10.29 -2.47
CA ASP B 99 -7.00 9.22 -3.41
C ASP B 99 -7.15 7.88 -2.69
N ILE B 100 -8.40 7.43 -2.60
CA ILE B 100 -8.73 6.23 -1.82
C ILE B 100 -9.91 5.53 -2.46
N ALA B 101 -9.85 4.20 -2.45
CA ALA B 101 -10.91 3.34 -2.97
C ALA B 101 -10.92 2.03 -2.18
N LEU B 102 -12.11 1.44 -2.10
CA LEU B 102 -12.30 0.13 -1.50
C LEU B 102 -12.81 -0.84 -2.55
N MET B 103 -12.42 -2.11 -2.38
CA MET B 103 -12.89 -3.20 -3.23
C MET B 103 -13.44 -4.30 -2.33
N LYS B 104 -14.69 -4.68 -2.57
CA LYS B 104 -15.29 -5.79 -1.85
C LYS B 104 -15.11 -7.06 -2.67
N LEU B 105 -14.59 -8.10 -2.03
CA LEU B 105 -14.38 -9.39 -2.70
C LEU B 105 -15.68 -10.17 -2.80
N LYS B 106 -15.78 -10.99 -3.86
CA LYS B 106 -16.97 -11.81 -4.05
C LYS B 106 -17.15 -12.81 -2.91
N LYS B 107 -16.05 -13.35 -2.39
CA LYS B 107 -16.06 -14.36 -1.33
C LYS B 107 -14.95 -14.02 -0.35
N PRO B 108 -15.09 -14.36 0.92
CA PRO B 108 -14.01 -14.08 1.87
C PRO B 108 -12.77 -14.90 1.53
N VAL B 109 -11.61 -14.30 1.76
CA VAL B 109 -10.35 -14.99 1.57
C VAL B 109 -9.95 -15.68 2.87
N ALA B 110 -9.36 -16.87 2.76
CA ALA B 110 -8.92 -17.59 3.94
C ALA B 110 -7.57 -17.05 4.39
N PHE B 111 -7.46 -16.73 5.68
CA PHE B 111 -6.18 -16.26 6.19
C PHE B 111 -5.22 -17.43 6.32
N SER B 112 -3.92 -17.12 6.30
CA SER B 112 -2.87 -18.12 6.36
C SER B 112 -1.60 -17.46 6.89
N ASP B 113 -0.48 -18.21 6.88
CA ASP B 113 0.79 -17.60 7.24
C ASP B 113 1.15 -16.44 6.34
N TYR B 114 0.60 -16.40 5.13
CA TYR B 114 0.97 -15.44 4.10
C TYR B 114 -0.11 -14.39 3.85
N ILE B 115 -1.28 -14.54 4.46
CA ILE B 115 -2.46 -13.71 4.18
C ILE B 115 -3.04 -13.31 5.53
N HIS B 116 -3.00 -12.00 5.84
CA HIS B 116 -3.47 -11.54 7.13
C HIS B 116 -3.73 -10.05 7.02
N PRO B 117 -4.79 -9.54 7.64
CA PRO B 117 -5.11 -8.11 7.49
C PRO B 117 -4.26 -7.18 8.35
N VAL B 118 -4.07 -5.96 7.84
CA VAL B 118 -3.46 -4.86 8.57
C VAL B 118 -4.55 -4.09 9.32
N CYS B 119 -4.16 -3.41 10.40
CA CYS B 119 -5.10 -2.57 11.12
C CYS B 119 -5.20 -1.19 10.49
N LEU B 120 -6.36 -0.57 10.66
CA LEU B 120 -6.48 0.83 10.31
C LEU B 120 -6.34 1.66 11.57
N PRO B 121 -5.70 2.82 11.50
CA PRO B 121 -5.43 3.59 12.72
C PRO B 121 -6.67 4.21 13.35
N ASP B 122 -6.64 4.27 14.66
CA ASP B 122 -7.51 5.13 15.46
C ASP B 122 -6.89 6.52 15.53
N ARG B 123 -7.67 7.48 16.05
CA ARG B 123 -7.21 8.87 16.11
C ARG B 123 -5.92 9.00 16.91
N GLU B 124 -5.82 8.27 18.02
CA GLU B 124 -4.68 8.44 18.92
C GLU B 124 -3.42 7.82 18.34
N THR B 125 -3.53 6.65 17.72
CA THR B 125 -2.37 6.07 17.07
C THR B 125 -1.89 6.98 15.95
N ALA B 126 -2.82 7.56 15.19
CA ALA B 126 -2.42 8.50 14.13
C ALA B 126 -1.74 9.73 14.71
N ALA B 127 -2.32 10.31 15.76
CA ALA B 127 -1.72 11.51 16.36
C ALA B 127 -0.33 11.21 16.89
N SER B 128 -0.16 10.04 17.52
N SER B 128 -0.16 10.02 17.48
CA SER B 128 1.14 9.71 18.10
CA SER B 128 1.08 9.64 18.14
C SER B 128 2.19 9.49 17.03
C SER B 128 2.20 9.27 17.16
N LEU B 129 1.85 8.76 15.97
CA LEU B 129 2.86 8.25 15.06
C LEU B 129 3.08 9.09 13.81
N LEU B 130 2.13 9.93 13.41
CA LEU B 130 2.30 10.72 12.18
C LEU B 130 3.05 12.00 12.52
N GLN B 131 4.33 11.82 12.80
CA GLN B 131 5.21 12.90 13.21
C GLN B 131 6.45 12.90 12.33
N ALA B 132 6.93 14.08 12.00
CA ALA B 132 8.13 14.21 11.19
C ALA B 132 9.28 13.44 11.82
N GLY B 133 9.99 12.67 10.99
CA GLY B 133 11.08 11.85 11.42
C GLY B 133 10.71 10.42 11.74
N TYR B 134 9.45 10.17 12.11
CA TYR B 134 9.03 8.83 12.40
C TYR B 134 8.94 8.05 11.09
N LYS B 135 9.44 6.82 11.10
CA LYS B 135 9.53 6.04 9.87
C LYS B 135 8.36 5.09 9.71
N GLY B 136 7.90 4.94 8.48
CA GLY B 136 7.01 3.88 8.09
C GLY B 136 7.67 3.03 7.01
N ARG B 137 6.90 2.08 6.51
CA ARG B 137 7.40 1.08 5.59
C ARG B 137 6.47 1.01 4.39
N VAL B 138 7.06 1.04 3.20
CA VAL B 138 6.32 0.97 1.95
C VAL B 138 6.75 -0.29 1.20
N THR B 139 5.77 -0.96 0.60
CA THR B 139 6.04 -2.22 -0.10
C THR B 139 5.36 -2.22 -1.46
N GLY B 140 5.99 -2.89 -2.42
CA GLY B 140 5.36 -3.02 -3.73
C GLY B 140 6.23 -3.75 -4.72
N TRP B 141 5.62 -4.00 -5.89
CA TRP B 141 6.26 -4.68 -7.00
C TRP B 141 6.53 -3.71 -8.15
N GLY B 142 6.50 -2.41 -7.87
CA GLY B 142 6.68 -1.40 -8.90
C GLY B 142 8.13 -1.26 -9.32
N ASN B 143 8.36 -0.27 -10.17
CA ASN B 143 9.66 -0.10 -10.79
C ASN B 143 10.77 0.11 -9.77
N LEU B 144 11.94 -0.42 -10.08
CA LEU B 144 13.13 -0.27 -9.25
C LEU B 144 13.87 1.04 -9.52
N LYS B 145 13.54 1.74 -10.61
CA LYS B 145 14.21 2.97 -10.96
C LYS B 145 13.21 3.81 -11.74
N GLU B 146 13.41 5.12 -11.70
CA GLU B 146 12.52 6.02 -12.42
C GLU B 146 12.51 5.68 -13.90
N THR B 147 13.68 5.48 -14.48
CA THR B 147 13.82 5.16 -15.89
C THR B 147 14.70 3.92 -16.02
N GLY B 155 14.99 -3.08 -14.00
CA GLY B 155 13.72 -2.40 -14.17
C GLY B 155 12.64 -2.81 -13.18
N GLN B 156 12.26 -4.08 -13.21
CA GLN B 156 11.18 -4.56 -12.36
C GLN B 156 11.65 -5.71 -11.49
N PRO B 157 11.12 -5.84 -10.29
CA PRO B 157 11.69 -6.79 -9.32
C PRO B 157 11.20 -8.23 -9.49
N SER B 158 12.05 -9.17 -9.05
CA SER B 158 11.63 -10.56 -9.00
C SER B 158 10.62 -10.79 -7.89
N VAL B 159 10.82 -10.16 -6.72
CA VAL B 159 9.96 -10.35 -5.57
C VAL B 159 9.60 -8.99 -4.95
N LEU B 160 8.59 -9.04 -4.08
CA LEU B 160 8.11 -7.86 -3.39
C LEU B 160 9.28 -7.10 -2.75
N GLN B 161 9.26 -5.78 -2.91
CA GLN B 161 10.29 -4.91 -2.37
C GLN B 161 9.75 -4.11 -1.18
N VAL B 162 10.67 -3.73 -0.29
N VAL B 162 10.66 -3.75 -0.26
CA VAL B 162 10.39 -3.05 0.96
CA VAL B 162 10.33 -3.04 0.97
C VAL B 162 11.36 -1.88 1.10
C VAL B 162 11.35 -1.94 1.22
N VAL B 163 10.87 -0.78 1.65
CA VAL B 163 11.74 0.32 2.07
C VAL B 163 11.11 1.04 3.25
N ASN B 164 11.94 1.42 4.22
CA ASN B 164 11.51 2.21 5.35
C ASN B 164 11.89 3.68 5.09
N LEU B 165 10.94 4.60 5.33
CA LEU B 165 11.12 6.00 5.00
C LEU B 165 10.56 6.89 6.09
N PRO B 166 11.23 8.00 6.40
CA PRO B 166 10.70 8.94 7.41
C PRO B 166 9.63 9.86 6.85
N ILE B 167 8.63 10.12 7.70
CA ILE B 167 7.65 11.17 7.42
C ILE B 167 8.37 12.51 7.46
N VAL B 168 7.96 13.42 6.59
CA VAL B 168 8.60 14.72 6.42
C VAL B 168 7.69 15.84 6.93
N GLU B 169 8.32 16.87 7.51
CA GLU B 169 7.64 18.07 7.96
C GLU B 169 6.79 18.66 6.83
N ARG B 170 5.56 19.06 7.16
CA ARG B 170 4.66 19.55 6.12
C ARG B 170 5.20 20.72 5.32
N PRO B 171 5.88 21.72 5.90
CA PRO B 171 6.42 22.81 5.07
C PRO B 171 7.44 22.32 4.06
N VAL B 172 8.23 21.30 4.41
CA VAL B 172 9.20 20.75 3.47
C VAL B 172 8.48 20.04 2.34
N CYS B 173 7.44 19.27 2.65
CA CYS B 173 6.63 18.67 1.60
C CYS B 173 6.10 19.73 0.66
N LYS B 174 5.50 20.78 1.21
CA LYS B 174 4.89 21.83 0.40
C LYS B 174 5.92 22.52 -0.49
N ASP B 175 7.10 22.77 0.05
CA ASP B 175 8.15 23.51 -0.65
C ASP B 175 8.87 22.66 -1.69
N SER B 176 8.54 21.38 -1.78
CA SER B 176 9.22 20.49 -2.72
C SER B 176 8.53 20.39 -4.05
N THR B 177 7.35 20.99 -4.21
CA THR B 177 6.50 20.73 -5.37
C THR B 177 5.62 21.94 -5.63
N ARG B 178 5.14 22.07 -6.86
CA ARG B 178 4.14 23.06 -7.21
C ARG B 178 2.71 22.54 -7.11
N ILE B 179 2.54 21.23 -6.96
CA ILE B 179 1.22 20.66 -6.82
C ILE B 179 0.67 21.03 -5.45
N ARG B 180 -0.64 21.32 -5.40
CA ARG B 180 -1.29 21.71 -4.16
C ARG B 180 -1.45 20.51 -3.23
N ILE B 181 -0.89 20.62 -2.02
CA ILE B 181 -1.00 19.59 -0.99
C ILE B 181 -2.21 19.88 -0.12
N THR B 182 -2.84 18.83 0.40
CA THR B 182 -3.97 18.97 1.30
C THR B 182 -3.75 18.15 2.58
N ASP B 183 -4.63 18.40 3.56
CA ASP B 183 -4.61 17.65 4.81
C ASP B 183 -4.89 16.17 4.61
N ASN B 184 -5.39 15.77 3.43
CA ASN B 184 -5.62 14.36 3.14
C ASN B 184 -4.39 13.65 2.60
N MET B 185 -3.22 14.28 2.71
CA MET B 185 -1.97 13.75 2.23
C MET B 185 -0.89 13.96 3.27
N PHE B 186 0.13 13.12 3.24
CA PHE B 186 1.40 13.43 3.89
C PHE B 186 2.52 12.97 2.96
N CYS B 187 3.75 13.42 3.23
CA CYS B 187 4.87 12.99 2.39
C CYS B 187 5.97 12.35 3.24
N ALA B 188 6.79 11.53 2.57
CA ALA B 188 7.82 10.75 3.23
C ALA B 188 9.00 10.53 2.29
N GLY B 189 10.16 10.40 2.88
CA GLY B 189 11.40 10.20 2.14
C GLY B 189 12.52 10.90 2.87
N TYR B 190 13.74 10.55 2.50
CA TYR B 190 14.92 11.19 3.07
C TYR B 190 15.20 12.51 2.37
N LYS B 191 15.79 13.43 3.13
CA LYS B 191 16.25 14.69 2.57
C LYS B 191 17.61 14.49 1.93
N PRO B 192 18.00 15.37 1.00
CA PRO B 192 19.33 15.24 0.38
C PRO B 192 20.46 15.15 1.39
N ASP B 193 20.41 15.95 2.45
CA ASP B 193 21.50 15.95 3.42
C ASP B 193 21.49 14.73 4.34
N GLU B 194 20.44 13.92 4.30
CA GLU B 194 20.38 12.72 5.12
C GLU B 194 21.11 11.53 4.48
N GLY B 195 21.51 11.64 3.22
CA GLY B 195 22.30 10.60 2.58
C GLY B 195 21.58 9.35 2.11
N LYS B 196 20.78 8.75 2.99
CA LYS B 196 20.04 7.56 2.64
C LYS B 196 19.00 7.88 1.57
N ARG B 197 18.54 6.83 0.91
CA ARG B 197 17.68 6.97 -0.26
C ARG B 197 16.49 6.03 -0.14
N GLY B 198 15.59 6.12 -1.11
CA GLY B 198 14.44 5.22 -1.18
C GLY B 198 13.17 5.94 -1.53
N ASP B 199 12.29 5.25 -2.24
CA ASP B 199 11.04 5.86 -2.66
C ASP B 199 10.14 4.79 -3.23
N ALA B 200 8.85 5.09 -3.29
CA ALA B 200 7.92 4.38 -4.13
C ALA B 200 8.09 4.84 -5.57
N CYS B 201 7.55 4.05 -6.51
CA CYS B 201 7.64 4.40 -7.92
C CYS B 201 6.41 3.87 -8.64
N GLU B 202 6.32 4.16 -9.93
N GLU B 202 6.37 4.12 -9.96
CA GLU B 202 5.17 3.69 -10.69
CA GLU B 202 5.31 3.57 -10.80
C GLU B 202 5.06 2.16 -10.60
C GLU B 202 5.10 2.09 -10.49
N GLY B 203 3.84 1.69 -10.38
CA GLY B 203 3.52 0.31 -10.07
C GLY B 203 3.34 0.04 -8.59
N ASP B 204 3.88 0.89 -7.72
CA ASP B 204 3.66 0.79 -6.28
C ASP B 204 2.38 1.47 -5.82
N SER B 205 1.78 2.27 -6.71
CA SER B 205 0.48 2.92 -6.48
C SER B 205 -0.48 2.01 -5.74
N GLY B 206 -1.16 2.57 -4.74
CA GLY B 206 -2.19 1.84 -4.05
C GLY B 206 -1.72 0.97 -2.92
N GLY B 207 -0.42 0.69 -2.84
CA GLY B 207 0.11 -0.11 -1.76
C GLY B 207 0.21 0.66 -0.48
N PRO B 208 0.50 -0.07 0.61
CA PRO B 208 0.42 0.52 1.94
C PRO B 208 1.73 1.14 2.44
N PHE B 209 1.57 2.20 3.23
CA PHE B 209 2.59 2.79 4.10
C PHE B 209 2.16 2.41 5.50
N VAL B 210 2.95 1.56 6.16
CA VAL B 210 2.57 0.99 7.45
C VAL B 210 3.58 1.42 8.52
N MET B 211 3.10 1.42 9.76
CA MET B 211 3.90 1.72 10.93
C MET B 211 3.58 0.69 12.01
N LYS B 212 4.58 0.27 12.78
CA LYS B 212 4.37 -0.70 13.84
C LYS B 212 4.22 0.06 15.16
N SER B 213 3.04 0.02 15.72
CA SER B 213 2.82 0.79 16.93
C SER B 213 3.74 0.30 18.04
N PRO B 214 4.48 1.16 18.73
CA PRO B 214 5.30 0.72 19.85
C PRO B 214 4.50 0.52 21.12
N PHE B 215 3.22 0.89 21.09
CA PHE B 215 2.34 0.75 22.25
C PHE B 215 1.73 -0.64 22.32
N ASN B 216 1.30 -1.20 21.20
CA ASN B 216 0.63 -2.51 21.20
C ASN B 216 1.25 -3.50 20.21
N ASN B 217 2.35 -3.12 19.56
CA ASN B 217 3.11 -4.01 18.70
C ASN B 217 2.30 -4.56 17.52
N ARG B 218 1.34 -3.79 17.03
CA ARG B 218 0.56 -4.10 15.84
C ARG B 218 0.90 -3.15 14.70
N TRP B 219 0.79 -3.65 13.49
CA TRP B 219 0.97 -2.87 12.28
C TRP B 219 -0.30 -2.16 11.85
N TYR B 220 -0.15 -0.87 11.59
CA TYR B 220 -1.21 0.02 11.16
C TYR B 220 -0.89 0.60 9.78
N GLN B 221 -1.91 0.70 8.95
CA GLN B 221 -1.75 1.35 7.63
C GLN B 221 -2.08 2.83 7.76
N MET B 222 -1.05 3.67 7.71
N MET B 222 -1.05 3.67 7.75
CA MET B 222 -1.21 5.11 7.83
CA MET B 222 -1.27 5.11 7.82
C MET B 222 -1.34 5.80 6.49
C MET B 222 -1.52 5.71 6.45
N GLY B 223 -0.87 5.19 5.41
CA GLY B 223 -0.88 5.82 4.11
C GLY B 223 -1.13 4.84 2.98
N ILE B 224 -1.44 5.41 1.81
CA ILE B 224 -1.53 4.69 0.56
C ILE B 224 -0.63 5.39 -0.45
N VAL B 225 0.18 4.63 -1.18
CA VAL B 225 1.03 5.23 -2.23
C VAL B 225 0.15 5.95 -3.24
N SER B 226 0.35 7.27 -3.36
CA SER B 226 -0.53 8.12 -4.15
C SER B 226 0.17 8.83 -5.31
N TRP B 227 1.14 9.71 -5.06
CA TRP B 227 1.71 10.48 -6.15
C TRP B 227 3.09 11.00 -5.80
N GLY B 228 3.74 11.51 -6.83
CA GLY B 228 5.06 12.09 -6.68
C GLY B 228 5.52 12.59 -8.03
N GLU B 229 6.78 12.98 -8.08
CA GLU B 229 7.37 13.51 -9.31
C GLU B 229 8.71 12.83 -9.48
N GLY B 230 8.80 11.93 -10.45
CA GLY B 230 9.94 11.06 -10.57
C GLY B 230 9.96 10.03 -9.46
N CYS B 231 11.09 9.34 -9.35
CA CYS B 231 11.29 8.38 -8.27
C CYS B 231 12.67 8.57 -7.68
N ASP B 232 12.73 8.71 -6.37
CA ASP B 232 13.97 8.84 -5.61
C ASP B 232 14.81 10.03 -6.06
N ARG B 233 14.18 11.11 -6.50
CA ARG B 233 14.94 12.32 -6.83
C ARG B 233 15.29 13.09 -5.57
N ASP B 234 16.51 13.64 -5.54
CA ASP B 234 16.89 14.53 -4.45
C ASP B 234 15.92 15.71 -4.37
N GLY B 235 15.41 15.99 -3.17
CA GLY B 235 14.54 17.12 -2.96
C GLY B 235 13.09 16.87 -3.28
N LYS B 236 12.75 15.69 -3.76
CA LYS B 236 11.37 15.28 -3.99
C LYS B 236 11.02 14.21 -2.97
N TYR B 237 9.73 14.11 -2.68
CA TYR B 237 9.20 13.20 -1.67
C TYR B 237 7.98 12.50 -2.24
N GLY B 238 7.74 11.28 -1.78
CA GLY B 238 6.52 10.60 -2.15
C GLY B 238 5.36 11.09 -1.31
N PHE B 239 4.19 11.18 -1.94
CA PHE B 239 2.96 11.59 -1.27
C PHE B 239 2.01 10.41 -1.12
N TYR B 240 1.38 10.37 0.05
CA TYR B 240 0.59 9.24 0.51
C TYR B 240 -0.76 9.75 0.98
N THR B 241 -1.81 9.02 0.63
CA THR B 241 -3.14 9.31 1.14
C THR B 241 -3.16 9.10 2.65
N HIS B 242 -3.72 10.07 3.37
CA HIS B 242 -3.80 10.05 4.84
C HIS B 242 -5.01 9.21 5.25
N VAL B 243 -4.75 7.93 5.55
CA VAL B 243 -5.84 6.98 5.78
C VAL B 243 -6.73 7.41 6.93
N PHE B 244 -6.13 7.83 8.04
CA PHE B 244 -6.98 8.20 9.17
C PHE B 244 -7.94 9.34 8.81
N ARG B 245 -7.46 10.35 8.07
CA ARG B 245 -8.34 11.47 7.74
C ARG B 245 -9.57 11.03 6.95
N LEU B 246 -9.48 9.92 6.24
CA LEU B 246 -10.55 9.41 5.39
C LEU B 246 -11.23 8.20 5.98
N LYS B 247 -10.95 7.89 7.25
CA LYS B 247 -11.47 6.66 7.84
C LYS B 247 -12.98 6.69 8.01
N LYS B 248 -13.58 7.86 8.24
CA LYS B 248 -15.03 7.90 8.38
C LYS B 248 -15.71 7.44 7.10
N TRP B 249 -15.15 7.80 5.95
CA TRP B 249 -15.68 7.28 4.69
C TRP B 249 -15.50 5.77 4.58
N ILE B 250 -14.30 5.26 4.94
CA ILE B 250 -14.09 3.82 4.92
C ILE B 250 -15.15 3.12 5.75
N GLN B 251 -15.36 3.62 6.97
CA GLN B 251 -16.31 2.97 7.87
C GLN B 251 -17.72 3.06 7.33
N LYS B 252 -18.09 4.20 6.76
CA LYS B 252 -19.43 4.35 6.19
C LYS B 252 -19.67 3.31 5.10
N VAL B 253 -18.68 3.11 4.23
CA VAL B 253 -18.83 2.14 3.14
C VAL B 253 -18.96 0.73 3.68
N ILE B 254 -18.08 0.34 4.60
CA ILE B 254 -18.12 -1.01 5.12
C ILE B 254 -19.42 -1.25 5.88
N ASP B 255 -19.87 -0.28 6.67
CA ASP B 255 -21.10 -0.44 7.43
C ASP B 255 -22.31 -0.57 6.51
N GLN B 256 -22.31 0.15 5.39
CA GLN B 256 -23.48 0.17 4.51
C GLN B 256 -23.51 -1.04 3.58
N PHE B 257 -22.35 -1.50 3.14
CA PHE B 257 -22.29 -2.49 2.07
C PHE B 257 -21.69 -3.82 2.51
N GLY B 258 -21.40 -3.94 3.81
CA GLY B 258 -20.82 -5.15 4.34
N ASP C 1 7.25 -11.84 -18.92
CA ASP C 1 6.10 -11.27 -18.22
C ASP C 1 5.57 -12.26 -17.18
N PHE C 2 4.26 -12.42 -17.11
CA PHE C 2 3.61 -13.11 -15.99
C PHE C 2 3.25 -14.54 -16.35
N GLU C 3 3.45 -15.44 -15.39
CA GLU C 3 3.00 -16.82 -15.53
C GLU C 3 1.48 -16.86 -15.61
N GLU C 4 0.96 -17.65 -16.54
CA GLU C 4 -0.48 -17.77 -16.69
C GLU C 4 -1.10 -18.22 -15.37
N ILE C 5 -2.24 -17.62 -15.03
CA ILE C 5 -2.94 -18.05 -13.82
C ILE C 5 -3.98 -19.10 -14.21
N PRO C 6 -4.44 -19.90 -13.25
CA PRO C 6 -5.43 -20.95 -13.57
C PRO C 6 -6.67 -20.38 -14.23
N GLU C 7 -7.21 -21.15 -15.18
CA GLU C 7 -8.32 -20.65 -16.00
C GLU C 7 -9.56 -20.37 -15.17
N GLU C 8 -9.73 -21.07 -14.05
CA GLU C 8 -10.89 -20.89 -13.20
C GLU C 8 -11.08 -19.45 -12.72
N LEU C 10 -10.45 -16.80 -14.44
CA LEU C 10 -10.71 -15.90 -15.56
C LEU C 10 -12.13 -16.08 -16.08
N GLN C 11 -12.97 -16.77 -15.31
CA GLN C 11 -14.34 -17.03 -15.67
C GLN C 11 -14.39 -18.15 -16.70
#